data_6OS4
#
_entry.id   6OS4
#
_cell.length_a   40.379
_cell.length_b   40.379
_cell.length_c   338.137
_cell.angle_alpha   90.000
_cell.angle_beta   90.000
_cell.angle_gamma   120.000
#
_symmetry.space_group_name_H-M   'P 61 2 2'
#
loop_
_entity.id
_entity.type
_entity.pdbx_description
1 polymer Calmodulin-1
2 non-polymer 'CALCIUM ION'
3 non-polymer 's-farnesyl-l-cysteine methyl ester'
4 water water
#
_entity_poly.entity_id   1
_entity_poly.type   'polypeptide(L)'
_entity_poly.pdbx_seq_one_letter_code
;ADQLTEEQIAEFKEAFSLFDKDGDGTITTKELGTVMRSLGQNPTEAELQDMINEVDADGNGTIDFPEFLTMMARKMKDTD
SEEEIREAFRVFDKDGNGYISAAELRHVMTNLGEKLTDEEVDEMIREADIDGDGQVNYEEFVQMMTAK
;
_entity_poly.pdbx_strand_id   A
#
# COMPACT_ATOMS: atom_id res chain seq x y z
N LEU A 4 -4.02 18.99 6.53
CA LEU A 4 -2.99 17.97 6.34
C LEU A 4 -2.05 17.92 7.54
N THR A 5 -1.73 16.72 7.99
CA THR A 5 -0.95 16.52 9.21
C THR A 5 0.50 16.21 8.87
N GLU A 6 1.41 16.72 9.72
CA GLU A 6 2.82 16.35 9.60
C GLU A 6 2.98 14.84 9.66
N GLU A 7 2.15 14.18 10.46
CA GLU A 7 2.21 12.72 10.56
C GLU A 7 1.76 12.07 9.26
N GLN A 8 0.73 12.61 8.62
CA GLN A 8 0.25 12.04 7.38
C GLN A 8 1.28 12.19 6.27
N ILE A 9 1.95 13.35 6.21
CA ILE A 9 3.02 13.55 5.25
C ILE A 9 4.11 12.50 5.43
N ALA A 10 4.50 12.26 6.69
CA ALA A 10 5.55 11.28 6.97
C ALA A 10 5.16 9.89 6.45
N GLU A 11 3.91 9.49 6.63
CA GLU A 11 3.47 8.19 6.14
C GLU A 11 3.52 8.13 4.61
N PHE A 12 3.06 9.19 3.95
CA PHE A 12 3.12 9.23 2.48
C PHE A 12 4.55 9.10 2.00
N LYS A 13 5.50 9.74 2.69
CA LYS A 13 6.90 9.63 2.31
C LYS A 13 7.36 8.17 2.40
N GLU A 14 7.09 7.52 3.53
CA GLU A 14 7.45 6.11 3.68
C GLU A 14 6.77 5.23 2.64
N ALA A 15 5.51 5.54 2.30
CA ALA A 15 4.83 4.74 1.29
C ALA A 15 5.47 4.93 -0.08
N PHE A 16 5.83 6.17 -0.43
CA PHE A 16 6.55 6.42 -1.67
C PHE A 16 7.89 5.68 -1.69
N SER A 17 8.59 5.66 -0.55
CA SER A 17 9.86 4.96 -0.45
C SER A 17 9.74 3.47 -0.74
N LEU A 18 8.61 2.85 -0.39
CA LEU A 18 8.43 1.42 -0.67
C LEU A 18 8.38 1.14 -2.17
N PHE A 19 7.87 2.09 -2.96
CA PHE A 19 7.80 1.96 -4.41
C PHE A 19 9.10 2.38 -5.07
N ASP A 20 9.71 3.47 -4.61
CA ASP A 20 10.90 4.01 -5.23
C ASP A 20 12.13 3.21 -4.79
N LYS A 21 12.26 2.02 -5.37
CA LYS A 21 13.24 1.04 -4.90
C LYS A 21 14.67 1.58 -4.94
N ASP A 22 15.02 2.32 -5.98
CA ASP A 22 16.37 2.87 -6.11
C ASP A 22 16.49 4.28 -5.55
N GLY A 23 15.40 4.84 -5.02
CA GLY A 23 15.46 6.12 -4.35
C GLY A 23 15.82 7.31 -5.20
N ASP A 24 15.54 7.26 -6.50
CA ASP A 24 15.87 8.38 -7.38
C ASP A 24 14.75 9.39 -7.46
N GLY A 25 13.71 9.24 -6.63
CA GLY A 25 12.63 10.20 -6.55
C GLY A 25 11.50 9.98 -7.53
N THR A 26 11.55 8.94 -8.34
CA THR A 26 10.48 8.66 -9.29
C THR A 26 10.20 7.17 -9.24
N ILE A 27 8.94 6.81 -9.49
CA ILE A 27 8.50 5.42 -9.51
C ILE A 27 8.27 5.05 -10.97
N THR A 28 8.96 4.03 -11.45
CA THR A 28 8.82 3.61 -12.84
C THR A 28 7.85 2.45 -12.94
N THR A 29 7.45 2.12 -14.17
CA THR A 29 6.64 0.92 -14.36
C THR A 29 7.33 -0.31 -13.78
N LYS A 30 8.67 -0.38 -13.89
CA LYS A 30 9.36 -1.58 -13.38
C LYS A 30 9.26 -1.64 -11.87
N GLU A 31 9.41 -0.50 -11.20
CA GLU A 31 9.29 -0.48 -9.75
C GLU A 31 7.86 -0.81 -9.31
N LEU A 32 6.86 -0.29 -10.04
CA LEU A 32 5.47 -0.58 -9.71
C LEU A 32 5.20 -2.06 -9.88
N GLY A 33 5.68 -2.64 -10.98
CA GLY A 33 5.46 -4.07 -11.19
C GLY A 33 6.13 -4.91 -10.12
N THR A 34 7.31 -4.49 -9.68
CA THR A 34 8.01 -5.23 -8.61
C THR A 34 7.21 -5.19 -7.31
N VAL A 35 6.67 -4.02 -6.96
CA VAL A 35 5.84 -3.94 -5.75
C VAL A 35 4.60 -4.81 -5.90
N MET A 36 3.92 -4.70 -7.05
CA MET A 36 2.66 -5.43 -7.23
CA MET A 36 2.66 -5.43 -7.20
C MET A 36 2.89 -6.95 -7.18
N ARG A 37 3.98 -7.42 -7.78
CA ARG A 37 4.26 -8.86 -7.70
C ARG A 37 4.61 -9.28 -6.27
N SER A 38 5.26 -8.43 -5.50
CA SER A 38 5.55 -8.79 -4.11
C SER A 38 4.29 -8.83 -3.27
N LEU A 39 3.19 -8.24 -3.77
CA LEU A 39 1.89 -8.31 -3.12
C LEU A 39 0.99 -9.36 -3.77
N GLY A 40 1.58 -10.25 -4.56
CA GLY A 40 0.83 -11.35 -5.13
C GLY A 40 0.04 -11.03 -6.37
N GLN A 41 0.23 -9.86 -6.98
CA GLN A 41 -0.47 -9.48 -8.19
C GLN A 41 0.43 -9.70 -9.40
N ASN A 42 -0.13 -9.67 -10.60
CA ASN A 42 0.63 -9.93 -11.83
CA ASN A 42 0.62 -9.94 -11.83
C ASN A 42 0.15 -9.02 -12.95
N PRO A 43 0.38 -7.72 -12.83
CA PRO A 43 -0.03 -6.79 -13.89
C PRO A 43 0.84 -6.94 -15.12
N THR A 44 0.25 -6.69 -16.27
CA THR A 44 1.00 -6.70 -17.51
C THR A 44 1.73 -5.38 -17.70
N GLU A 45 2.62 -5.34 -18.70
CA GLU A 45 3.34 -4.10 -18.98
C GLU A 45 2.37 -2.99 -19.37
N ALA A 46 1.30 -3.34 -20.11
CA ALA A 46 0.35 -2.32 -20.51
C ALA A 46 -0.50 -1.84 -19.34
N GLU A 47 -0.83 -2.74 -18.41
CA GLU A 47 -1.56 -2.33 -17.22
C GLU A 47 -0.72 -1.40 -16.36
N LEU A 48 0.59 -1.65 -16.27
CA LEU A 48 1.45 -0.78 -15.48
C LEU A 48 1.56 0.60 -16.10
N GLN A 49 1.70 0.66 -17.43
CA GLN A 49 1.72 1.96 -18.10
C GLN A 49 0.40 2.71 -17.92
N ASP A 50 -0.73 1.99 -17.98
CA ASP A 50 -2.02 2.62 -17.76
C ASP A 50 -2.09 3.24 -16.36
N MET A 51 -1.63 2.49 -15.35
CA MET A 51 -1.67 2.97 -13.97
C MET A 51 -0.91 4.27 -13.82
N ILE A 52 0.29 4.34 -14.41
CA ILE A 52 1.06 5.58 -14.34
C ILE A 52 0.38 6.67 -15.15
N ASN A 53 -0.13 6.33 -16.33
CA ASN A 53 -0.69 7.36 -17.21
C ASN A 53 -1.91 8.04 -16.58
N GLU A 54 -2.60 7.35 -15.68
CA GLU A 54 -3.75 7.97 -15.00
C GLU A 54 -3.34 9.21 -14.20
N VAL A 55 -2.15 9.21 -13.61
CA VAL A 55 -1.71 10.29 -12.75
C VAL A 55 -0.49 11.04 -13.30
N ASP A 56 -0.07 10.73 -14.52
CA ASP A 56 1.18 11.27 -15.07
C ASP A 56 0.93 12.67 -15.61
N ALA A 57 0.84 13.63 -14.69
CA ALA A 57 0.41 14.98 -15.06
C ALA A 57 1.39 15.67 -15.99
N ASP A 58 2.68 15.41 -15.85
CA ASP A 58 3.66 16.01 -16.75
C ASP A 58 4.03 15.11 -17.92
N GLY A 59 3.42 13.93 -18.00
CA GLY A 59 3.61 13.08 -19.16
C GLY A 59 5.00 12.52 -19.35
N ASN A 60 5.81 12.44 -18.30
CA ASN A 60 7.17 11.94 -18.45
C ASN A 60 7.27 10.43 -18.22
N GLY A 61 6.13 9.74 -18.12
CA GLY A 61 6.13 8.29 -18.03
C GLY A 61 6.49 7.72 -16.67
N THR A 62 6.81 8.55 -15.68
CA THR A 62 7.09 8.08 -14.33
C THR A 62 6.26 8.86 -13.32
N ILE A 63 6.20 8.35 -12.10
CA ILE A 63 5.42 8.97 -11.02
C ILE A 63 6.36 9.68 -10.05
N ASP A 64 6.15 10.98 -9.86
CA ASP A 64 6.87 11.73 -8.85
C ASP A 64 6.02 11.81 -7.58
N PHE A 65 6.48 12.58 -6.60
CA PHE A 65 5.79 12.57 -5.32
C PHE A 65 4.37 13.12 -5.39
N PRO A 66 4.10 14.28 -5.99
CA PRO A 66 2.70 14.75 -6.00
C PRO A 66 1.79 13.87 -6.84
N GLU A 67 2.33 13.27 -7.89
CA GLU A 67 1.55 12.32 -8.68
C GLU A 67 1.21 11.08 -7.87
N PHE A 68 2.14 10.63 -7.01
CA PHE A 68 1.88 9.52 -6.12
C PHE A 68 0.78 9.85 -5.13
N LEU A 69 0.83 11.06 -4.54
CA LEU A 69 -0.26 11.48 -3.67
C LEU A 69 -1.58 11.47 -4.40
N THR A 70 -1.58 11.86 -5.67
CA THR A 70 -2.81 11.83 -6.44
C THR A 70 -3.29 10.40 -6.64
N MET A 71 -2.35 9.49 -6.90
CA MET A 71 -2.69 8.08 -7.05
C MET A 71 -3.29 7.52 -5.77
N MET A 72 -2.70 7.86 -4.62
CA MET A 72 -3.18 7.32 -3.35
CA MET A 72 -3.18 7.33 -3.34
C MET A 72 -4.56 7.88 -2.99
N ALA A 73 -4.75 9.19 -3.17
CA ALA A 73 -6.02 9.81 -2.81
C ALA A 73 -7.16 9.25 -3.65
N ARG A 74 -6.90 8.96 -4.93
CA ARG A 74 -7.94 8.39 -5.77
C ARG A 74 -8.33 7.00 -5.28
N LYS A 75 -7.37 6.20 -4.84
CA LYS A 75 -7.67 4.85 -4.41
C LYS A 75 -8.47 4.83 -3.11
N MET A 76 -8.07 5.65 -2.14
CA MET A 76 -8.82 5.71 -0.88
C MET A 76 -10.21 6.32 -1.10
N LYS A 77 -10.30 7.36 -1.93
CA LYS A 77 -11.57 8.02 -2.23
C LYS A 77 -12.18 7.42 -3.50
N ASP A 78 -12.51 6.14 -3.44
CA ASP A 78 -13.00 5.40 -4.60
C ASP A 78 -14.48 5.07 -4.47
N THR A 79 -14.88 4.37 -3.40
CA THR A 79 -16.23 3.88 -3.16
C THR A 79 -16.57 2.67 -4.03
N ASP A 80 -15.80 2.41 -5.08
CA ASP A 80 -15.94 1.21 -5.90
C ASP A 80 -14.66 0.39 -5.77
N SER A 81 -14.72 -0.85 -6.24
CA SER A 81 -13.59 -1.76 -6.16
C SER A 81 -13.32 -2.18 -4.71
N GLU A 82 -14.40 -2.46 -3.97
CA GLU A 82 -14.20 -3.04 -2.64
C GLU A 82 -13.58 -4.43 -2.76
N GLU A 83 -13.75 -5.09 -3.90
CA GLU A 83 -13.05 -6.35 -4.14
C GLU A 83 -11.55 -6.14 -4.11
N GLU A 84 -11.08 -4.96 -4.52
CA GLU A 84 -9.67 -4.63 -4.31
C GLU A 84 -9.32 -4.62 -2.83
N ILE A 85 -10.24 -4.14 -1.99
CA ILE A 85 -9.96 -4.08 -0.56
C ILE A 85 -9.98 -5.49 0.03
N ARG A 86 -10.95 -6.30 -0.36
CA ARG A 86 -10.96 -7.70 0.04
C ARG A 86 -9.71 -8.42 -0.45
N GLU A 87 -9.29 -8.16 -1.70
CA GLU A 87 -8.06 -8.76 -2.18
C GLU A 87 -6.87 -8.25 -1.37
N ALA A 88 -6.85 -6.95 -1.05
CA ALA A 88 -5.75 -6.43 -0.26
C ALA A 88 -5.74 -7.05 1.12
N PHE A 89 -6.91 -7.24 1.71
CA PHE A 89 -6.99 -7.88 3.03
C PHE A 89 -6.40 -9.29 2.98
N ARG A 90 -6.66 -10.02 1.89
CA ARG A 90 -6.20 -11.40 1.79
C ARG A 90 -4.68 -11.45 1.64
N VAL A 91 -4.09 -10.39 1.09
CA VAL A 91 -2.63 -10.31 1.00
C VAL A 91 -2.01 -10.34 2.40
N PHE A 92 -2.67 -9.68 3.35
CA PHE A 92 -2.16 -9.64 4.73
C PHE A 92 -2.60 -10.86 5.53
N ASP A 93 -3.85 -11.26 5.38
CA ASP A 93 -4.44 -12.34 6.19
C ASP A 93 -4.15 -13.70 5.55
N LYS A 94 -2.89 -14.12 5.67
CA LYS A 94 -2.44 -15.26 4.88
C LYS A 94 -2.98 -16.60 5.39
N ASP A 95 -3.27 -16.73 6.68
CA ASP A 95 -3.91 -17.95 7.15
C ASP A 95 -5.43 -17.91 6.99
N GLY A 96 -5.97 -16.83 6.43
CA GLY A 96 -7.38 -16.73 6.11
C GLY A 96 -8.32 -16.70 7.29
N ASN A 97 -7.82 -16.47 8.51
CA ASN A 97 -8.70 -16.61 9.68
C ASN A 97 -9.55 -15.36 9.96
N GLY A 98 -9.43 -14.31 9.15
CA GLY A 98 -10.27 -13.15 9.34
C GLY A 98 -9.63 -12.05 10.16
N TYR A 99 -8.37 -12.22 10.57
CA TYR A 99 -7.71 -11.25 11.42
C TYR A 99 -6.28 -11.10 10.92
N ILE A 100 -5.81 -9.86 10.79
CA ILE A 100 -4.40 -9.63 10.48
C ILE A 100 -3.67 -9.50 11.80
N SER A 101 -2.69 -10.37 12.02
CA SER A 101 -1.83 -10.31 13.17
C SER A 101 -0.60 -9.43 12.92
N ALA A 102 0.09 -9.07 14.01
CA ALA A 102 1.40 -8.43 13.87
C ALA A 102 2.35 -9.28 13.03
N ALA A 103 2.36 -10.59 13.26
CA ALA A 103 3.27 -11.45 12.49
C ALA A 103 2.94 -11.41 11.00
N GLU A 104 1.64 -11.42 10.66
CA GLU A 104 1.23 -11.36 9.26
C GLU A 104 1.65 -10.04 8.63
N LEU A 105 1.48 -8.95 9.37
CA LEU A 105 1.89 -7.65 8.87
C LEU A 105 3.40 -7.60 8.69
N ARG A 106 4.15 -8.08 9.67
CA ARG A 106 5.60 -8.15 9.53
C ARG A 106 5.99 -8.91 8.27
N HIS A 107 5.32 -10.04 8.00
CA HIS A 107 5.65 -10.85 6.83
C HIS A 107 5.48 -10.06 5.54
N VAL A 108 4.38 -9.32 5.42
CA VAL A 108 4.15 -8.56 4.18
C VAL A 108 5.16 -7.43 4.07
N MET A 109 5.40 -6.71 5.17
CA MET A 109 6.36 -5.61 5.11
C MET A 109 7.74 -6.12 4.70
N THR A 110 8.12 -7.30 5.19
CA THR A 110 9.39 -7.89 4.78
C THR A 110 9.40 -8.16 3.28
N ASN A 111 8.25 -8.59 2.73
CA ASN A 111 8.26 -8.89 1.30
C ASN A 111 8.35 -7.62 0.48
N LEU A 112 7.87 -6.49 1.01
CA LEU A 112 8.07 -5.18 0.41
C LEU A 112 9.48 -4.63 0.67
N GLY A 113 10.37 -5.41 1.27
CA GLY A 113 11.73 -4.97 1.50
C GLY A 113 11.94 -4.10 2.71
N GLU A 114 10.93 -3.95 3.55
CA GLU A 114 11.05 -3.09 4.71
C GLU A 114 11.76 -3.79 5.86
N LYS A 115 12.46 -2.99 6.66
CA LYS A 115 13.04 -3.44 7.91
C LYS A 115 12.29 -2.70 9.01
N LEU A 116 11.40 -3.40 9.70
CA LEU A 116 10.65 -2.82 10.80
C LEU A 116 11.03 -3.51 12.10
N THR A 117 11.15 -2.72 13.17
CA THR A 117 11.32 -3.29 14.50
C THR A 117 10.01 -3.92 14.96
N ASP A 118 10.10 -4.72 16.02
CA ASP A 118 8.90 -5.32 16.59
C ASP A 118 7.94 -4.24 17.08
N GLU A 119 8.47 -3.18 17.70
CA GLU A 119 7.60 -2.10 18.16
C GLU A 119 6.94 -1.38 16.98
N GLU A 120 7.68 -1.17 15.90
CA GLU A 120 7.11 -0.49 14.74
C GLU A 120 5.94 -1.27 14.16
N VAL A 121 6.05 -2.59 14.13
CA VAL A 121 4.95 -3.40 13.62
C VAL A 121 3.76 -3.31 14.57
N ASP A 122 4.00 -3.43 15.87
CA ASP A 122 2.92 -3.34 16.85
C ASP A 122 2.22 -1.98 16.80
N GLU A 123 2.97 -0.92 16.53
CA GLU A 123 2.36 0.42 16.43
C GLU A 123 1.43 0.51 15.23
N MET A 124 1.81 -0.11 14.10
CA MET A 124 0.92 -0.11 12.94
C MET A 124 -0.37 -0.87 13.24
N ILE A 125 -0.26 -2.04 13.90
CA ILE A 125 -1.47 -2.76 14.31
C ILE A 125 -2.30 -1.90 15.25
N ARG A 126 -1.65 -1.29 16.24
CA ARG A 126 -2.37 -0.46 17.23
C ARG A 126 -3.17 0.63 16.54
N GLU A 127 -2.58 1.30 15.54
CA GLU A 127 -3.23 2.44 14.90
C GLU A 127 -4.47 2.03 14.13
N ALA A 128 -4.49 0.82 13.56
CA ALA A 128 -5.65 0.33 12.80
C ALA A 128 -6.65 -0.40 13.66
N ASP A 129 -6.23 -0.89 14.82
CA ASP A 129 -7.11 -1.66 15.68
C ASP A 129 -8.15 -0.72 16.29
N ILE A 130 -9.42 -1.11 16.24
CA ILE A 130 -10.51 -0.31 16.79
C ILE A 130 -11.09 -0.95 18.04
N ASP A 131 -11.39 -2.26 17.97
CA ASP A 131 -11.99 -2.91 19.13
C ASP A 131 -10.98 -3.22 20.21
N GLY A 132 -9.69 -3.16 19.91
CA GLY A 132 -8.70 -3.35 20.94
C GLY A 132 -8.26 -4.78 21.14
N ASP A 133 -8.63 -5.71 20.25
CA ASP A 133 -8.21 -7.09 20.41
C ASP A 133 -6.78 -7.33 19.95
N GLY A 134 -6.09 -6.30 19.49
CA GLY A 134 -4.72 -6.47 19.09
C GLY A 134 -4.53 -7.07 17.72
N GLN A 135 -5.58 -7.22 16.92
CA GLN A 135 -5.46 -7.59 15.52
C GLN A 135 -6.35 -6.69 14.68
N VAL A 136 -6.22 -6.79 13.36
CA VAL A 136 -7.02 -5.98 12.43
C VAL A 136 -7.99 -6.91 11.71
N ASN A 137 -9.29 -6.75 11.98
CA ASN A 137 -10.26 -7.55 11.25
C ASN A 137 -10.63 -6.82 9.96
N TYR A 138 -11.57 -7.40 9.21
CA TYR A 138 -11.87 -6.84 7.90
C TYR A 138 -12.50 -5.45 8.00
N GLU A 139 -13.46 -5.26 8.92
CA GLU A 139 -14.07 -3.94 9.06
C GLU A 139 -13.05 -2.87 9.44
N GLU A 140 -12.14 -3.21 10.35
CA GLU A 140 -11.07 -2.27 10.74
C GLU A 140 -10.17 -1.97 9.55
N PHE A 141 -9.86 -2.99 8.75
CA PHE A 141 -9.07 -2.78 7.54
C PHE A 141 -9.78 -1.91 6.53
N VAL A 142 -11.08 -2.13 6.33
CA VAL A 142 -11.85 -1.29 5.42
C VAL A 142 -11.73 0.16 5.82
N GLN A 143 -11.81 0.42 7.12
CA GLN A 143 -11.75 1.80 7.59
C GLN A 143 -10.37 2.40 7.38
N MET A 144 -9.32 1.59 7.53
CA MET A 144 -7.96 2.06 7.32
C MET A 144 -7.72 2.44 5.86
N MET A 145 -8.26 1.65 4.93
CA MET A 145 -8.04 1.88 3.51
C MET A 145 -9.03 2.86 2.90
N THR A 146 -9.91 3.46 3.71
CA THR A 146 -10.96 4.33 3.22
C THR A 146 -10.83 5.72 3.84
N ALA A 147 -11.17 6.74 3.06
CA ALA A 147 -11.14 8.12 3.54
C ALA A 147 -12.33 8.42 4.44
#